data_3Q2Y
#
_entry.id   3Q2Y
#
_cell.length_a   106.600
_cell.length_b   106.600
_cell.length_c   145.740
_cell.angle_alpha   90.00
_cell.angle_beta   90.00
_cell.angle_gamma   90.00
#
_symmetry.space_group_name_H-M   'P 43 2 2'
#
loop_
_entity.id
_entity.type
_entity.pdbx_description
1 polymer 'Multidrug-efflux transporter 1 regulator'
2 polymer '23 bp promoter'
3 non-polymer ETHIDIUM
4 non-polymer GLYCEROL
5 water water
#
loop_
_entity_poly.entity_id
_entity_poly.type
_entity_poly.pdbx_seq_one_letter_code
_entity_poly.pdbx_strand_id
1 'polypeptide(L)'
;MKESYYSIGEVSKLANVSIKALRYYDKIDLFKPAYVDPDTSYRYYTDSQLIHLDLIKSLKYIGTPLEEMKKAQDLEMEEL
FAFYTEQERQIREKLDFLSALEQTISLVKKRMKRQMEYPALGEVFVLDEEEIRIIQTEAEGLGPENVLNASYSKLKKFIE
SADGFTNNSYGATFSFQPYTSIDEMTYRHIFTPVLTNKQISSITPDMEITTIPKGRYACIAYNFSPEHYFLNLQKLIKYI
ADRQLTVVSDVYELIIPIHYSPKKQEEYRVEMKIRILDHHHHHH
;
A
2 'polydeoxyribonucleotide'
;(DG)(DA)(DC)(DC)(DC)(DT)(DC)(DC)(DC)(DC)(DT)(DT)(DA)(DG)(DG)(DG)(DG)(DA)(DG)(DG)
(DG)(DT)(DC)
;
B
#
loop_
_chem_comp.id
_chem_comp.type
_chem_comp.name
_chem_comp.formula
DA DNA linking 2'-DEOXYADENOSINE-5'-MONOPHOSPHATE 'C10 H14 N5 O6 P'
DC DNA linking 2'-DEOXYCYTIDINE-5'-MONOPHOSPHATE 'C9 H14 N3 O7 P'
DG DNA linking 2'-DEOXYGUANOSINE-5'-MONOPHOSPHATE 'C10 H14 N5 O7 P'
DT DNA linking THYMIDINE-5'-MONOPHOSPHATE 'C10 H15 N2 O8 P'
ET non-polymer ETHIDIUM 'C21 H20 N3 1'
GOL non-polymer GLYCEROL 'C3 H8 O3'
#
# COMPACT_ATOMS: atom_id res chain seq x y z
N LYS A 2 22.18 32.98 -37.12
CA LYS A 2 22.61 34.38 -36.76
C LYS A 2 21.84 35.49 -37.51
N GLU A 3 22.06 35.63 -38.81
CA GLU A 3 21.31 36.62 -39.55
C GLU A 3 20.15 36.01 -40.34
N SER A 4 19.58 34.90 -39.84
CA SER A 4 18.39 34.26 -40.41
C SER A 4 17.70 33.52 -39.30
N TYR A 5 16.63 32.78 -39.58
CA TYR A 5 15.96 32.01 -38.53
C TYR A 5 16.05 30.51 -38.70
N TYR A 6 15.80 29.78 -37.61
CA TYR A 6 15.59 28.34 -37.71
C TYR A 6 14.10 28.11 -37.90
N SER A 7 13.78 27.22 -38.82
CA SER A 7 12.42 26.72 -38.89
C SER A 7 12.16 25.85 -37.66
N ILE A 8 10.93 25.43 -37.49
CA ILE A 8 10.58 24.61 -36.35
C ILE A 8 11.43 23.31 -36.35
N GLY A 9 11.53 22.64 -37.49
CA GLY A 9 12.16 21.32 -37.57
C GLY A 9 13.63 21.44 -37.23
N GLU A 10 14.19 22.60 -37.55
CA GLU A 10 15.58 22.84 -37.30
C GLU A 10 15.78 22.87 -35.78
N VAL A 11 15.01 23.72 -35.12
CA VAL A 11 15.08 23.87 -33.68
C VAL A 11 14.87 22.51 -33.04
N SER A 12 14.04 21.69 -33.66
CA SER A 12 13.63 20.51 -32.98
C SER A 12 14.77 19.51 -32.99
N LYS A 13 15.47 19.42 -34.11
CA LYS A 13 16.68 18.59 -34.22
C LYS A 13 17.76 19.15 -33.26
N LEU A 14 17.87 20.46 -33.17
CA LEU A 14 18.94 21.09 -32.40
C LEU A 14 18.75 20.98 -30.90
N ALA A 15 17.51 20.99 -30.41
CA ALA A 15 17.31 21.05 -28.98
C ALA A 15 16.77 19.72 -28.52
N ASN A 16 16.52 18.82 -29.48
CA ASN A 16 15.96 17.53 -29.14
C ASN A 16 14.63 17.67 -28.38
N VAL A 17 13.71 18.40 -28.99
CA VAL A 17 12.44 18.69 -28.44
C VAL A 17 11.56 18.50 -29.64
N SER A 18 10.38 17.92 -29.46
CA SER A 18 9.52 17.59 -30.60
C SER A 18 8.89 18.82 -31.21
N ILE A 19 8.56 18.75 -32.50
CA ILE A 19 7.84 19.85 -33.10
C ILE A 19 6.51 20.07 -32.34
N LYS A 20 5.78 18.99 -32.11
CA LYS A 20 4.54 19.12 -31.39
C LYS A 20 4.75 19.88 -30.09
N ALA A 21 5.86 19.65 -29.40
CA ALA A 21 6.11 20.29 -28.11
C ALA A 21 6.33 21.78 -28.29
N LEU A 22 7.16 22.14 -29.28
CA LEU A 22 7.46 23.55 -29.56
C LEU A 22 6.15 24.29 -29.86
N ARG A 23 5.36 23.65 -30.69
CA ARG A 23 4.10 24.15 -31.08
C ARG A 23 3.28 24.40 -29.81
N TYR A 24 3.33 23.47 -28.85
CA TYR A 24 2.47 23.56 -27.66
C TYR A 24 3.00 24.62 -26.73
N TYR A 25 4.30 24.54 -26.44
CA TYR A 25 5.04 25.59 -25.70
C TYR A 25 4.77 26.98 -26.24
N ASP A 26 4.54 27.05 -27.55
CA ASP A 26 4.03 28.25 -28.17
C ASP A 26 2.60 28.54 -27.71
N LYS A 27 1.68 27.57 -27.71
CA LYS A 27 0.25 27.88 -27.39
C LYS A 27 0.11 28.47 -25.99
N ILE A 28 0.94 27.97 -25.08
CA ILE A 28 0.91 28.40 -23.68
C ILE A 28 1.78 29.61 -23.39
N ASP A 29 2.56 30.06 -24.36
CA ASP A 29 3.45 31.18 -24.13
C ASP A 29 4.54 30.92 -23.09
N LEU A 30 5.11 29.73 -23.16
CA LEU A 30 6.27 29.35 -22.37
C LEU A 30 7.50 29.64 -23.19
N PHE A 31 7.36 29.48 -24.51
CA PHE A 31 8.44 29.65 -25.45
C PHE A 31 7.79 29.88 -26.78
N LYS A 32 8.08 31.02 -27.38
CA LYS A 32 7.40 31.47 -28.59
C LYS A 32 8.43 31.75 -29.67
N PRO A 33 8.16 31.37 -30.92
CA PRO A 33 9.10 31.74 -31.95
C PRO A 33 9.23 33.26 -32.01
N ALA A 34 10.44 33.72 -32.29
CA ALA A 34 10.72 35.14 -32.40
C ALA A 34 9.89 35.73 -33.50
N TYR A 35 9.59 34.94 -34.52
CA TYR A 35 8.84 35.46 -35.65
C TYR A 35 7.92 34.43 -36.24
N VAL A 36 6.75 34.92 -36.67
CA VAL A 36 5.73 34.10 -37.35
C VAL A 36 5.28 34.79 -38.60
N ASP A 37 5.47 34.08 -39.71
CA ASP A 37 5.21 34.58 -41.05
C ASP A 37 3.73 34.84 -41.19
N PRO A 38 3.34 36.10 -41.34
CA PRO A 38 1.94 36.52 -41.38
C PRO A 38 1.11 35.82 -42.46
N ASP A 39 1.78 35.20 -43.43
CA ASP A 39 1.10 34.47 -44.48
C ASP A 39 1.04 32.96 -44.29
N THR A 40 2.19 32.35 -44.02
CA THR A 40 2.25 30.90 -43.95
C THR A 40 1.97 30.36 -42.55
N SER A 41 2.06 31.24 -41.56
CA SER A 41 1.99 30.88 -40.15
C SER A 41 3.18 30.06 -39.68
N TYR A 42 4.22 30.00 -40.50
CA TYR A 42 5.39 29.23 -40.17
C TYR A 42 6.07 29.86 -38.97
N ARG A 43 6.54 29.01 -38.04
CA ARG A 43 7.28 29.49 -36.89
C ARG A 43 8.77 29.58 -37.17
N TYR A 44 9.34 30.73 -36.85
CA TYR A 44 10.77 30.95 -37.02
C TYR A 44 11.47 31.37 -35.72
N TYR A 45 12.62 30.77 -35.44
CA TYR A 45 13.30 31.02 -34.18
C TYR A 45 14.70 31.58 -34.41
N THR A 46 15.21 32.39 -33.47
CA THR A 46 16.58 32.90 -33.54
C THR A 46 17.55 31.99 -32.80
N ASP A 47 18.85 32.16 -33.03
CA ASP A 47 19.86 31.37 -32.30
C ASP A 47 19.87 31.76 -30.86
N SER A 48 19.80 33.06 -30.59
CA SER A 48 19.93 33.59 -29.22
C SER A 48 18.86 33.05 -28.32
N GLN A 49 17.69 32.84 -28.88
CA GLN A 49 16.63 32.34 -28.05
C GLN A 49 16.71 30.85 -27.66
N LEU A 50 17.55 30.06 -28.35
CA LEU A 50 17.66 28.62 -28.03
C LEU A 50 18.01 28.34 -26.58
N ILE A 51 18.60 29.32 -25.94
CA ILE A 51 19.06 29.16 -24.57
C ILE A 51 17.91 29.10 -23.54
N HIS A 52 16.78 29.70 -23.87
CA HIS A 52 15.65 29.65 -22.99
C HIS A 52 15.14 28.20 -22.85
N LEU A 53 15.53 27.35 -23.81
CA LEU A 53 15.10 25.97 -23.76
C LEU A 53 15.80 25.16 -22.69
N ASP A 54 17.03 25.50 -22.36
CA ASP A 54 17.73 24.81 -21.31
C ASP A 54 16.90 24.71 -20.04
N LEU A 55 16.49 25.86 -19.52
CA LEU A 55 15.65 25.85 -18.35
C LEU A 55 14.44 24.95 -18.56
N ILE A 56 13.76 25.14 -19.69
CA ILE A 56 12.57 24.39 -19.96
C ILE A 56 12.85 22.88 -19.87
N LYS A 57 13.94 22.44 -20.49
CA LYS A 57 14.22 21.02 -20.53
C LYS A 57 14.62 20.45 -19.17
N SER A 58 15.48 21.14 -18.45
CA SER A 58 15.82 20.69 -17.13
C SER A 58 14.57 20.64 -16.24
N LEU A 59 13.78 21.70 -16.21
CA LEU A 59 12.64 21.68 -15.30
C LEU A 59 11.69 20.58 -15.70
N LYS A 60 11.58 20.35 -16.99
CA LYS A 60 10.73 19.30 -17.50
C LYS A 60 11.29 18.00 -17.02
N TYR A 61 12.60 17.84 -17.08
CA TYR A 61 13.20 16.61 -16.62
C TYR A 61 12.88 16.30 -15.17
N ILE A 62 12.80 17.31 -14.30
CA ILE A 62 12.53 17.04 -12.88
C ILE A 62 11.05 17.03 -12.60
N GLY A 63 10.26 17.34 -13.63
CA GLY A 63 8.81 17.24 -13.59
C GLY A 63 8.04 18.46 -13.11
N THR A 64 8.67 19.62 -13.17
CA THR A 64 7.96 20.86 -12.94
C THR A 64 6.79 21.00 -13.91
N PRO A 65 5.60 21.28 -13.41
CA PRO A 65 4.54 21.47 -14.40
C PRO A 65 4.89 22.64 -15.30
N LEU A 66 4.34 22.70 -16.51
CA LEU A 66 4.66 23.79 -17.42
C LEU A 66 4.31 25.16 -16.87
N GLU A 67 3.21 25.28 -16.14
CA GLU A 67 2.76 26.60 -15.78
C GLU A 67 3.58 27.15 -14.63
N GLU A 68 4.37 26.26 -14.02
CA GLU A 68 5.27 26.68 -12.96
C GLU A 68 6.53 27.22 -13.60
N MET A 69 6.90 26.65 -14.74
CA MET A 69 8.14 27.08 -15.42
C MET A 69 8.04 28.54 -15.79
N LYS A 70 6.84 28.98 -16.14
CA LYS A 70 6.59 30.38 -16.49
C LYS A 70 6.98 31.27 -15.36
N LYS A 71 6.67 30.83 -14.15
CA LYS A 71 7.01 31.58 -12.95
C LYS A 71 8.48 31.41 -12.71
N ALA A 72 9.00 30.26 -13.05
CA ALA A 72 10.42 30.02 -12.87
C ALA A 72 11.37 30.85 -13.75
N GLN A 73 10.96 31.17 -14.98
CA GLN A 73 11.76 31.93 -15.93
C GLN A 73 12.10 33.32 -15.46
N ASP A 74 11.28 33.83 -14.56
CA ASP A 74 11.32 35.24 -14.21
C ASP A 74 12.23 35.52 -13.04
N LEU A 75 13.07 34.55 -12.72
CA LEU A 75 13.85 34.60 -11.50
C LEU A 75 15.29 35.03 -11.73
N GLU A 76 15.85 35.84 -10.84
CA GLU A 76 17.30 36.06 -10.81
C GLU A 76 17.91 34.83 -10.14
N MET A 77 19.22 34.71 -10.13
CA MET A 77 19.79 33.50 -9.60
C MET A 77 19.36 33.20 -8.17
N GLU A 78 19.54 34.13 -7.24
CA GLU A 78 19.25 33.84 -5.81
C GLU A 78 17.90 33.22 -5.64
N GLU A 79 16.88 33.87 -6.19
CA GLU A 79 15.52 33.36 -6.10
C GLU A 79 15.41 31.97 -6.75
N LEU A 80 16.18 31.74 -7.82
CA LEU A 80 16.15 30.44 -8.54
C LEU A 80 16.90 29.36 -7.80
N PHE A 81 17.94 29.76 -7.09
CA PHE A 81 18.58 28.92 -6.09
C PHE A 81 17.54 28.38 -5.13
N ALA A 82 16.79 29.31 -4.53
CA ALA A 82 15.70 28.95 -3.62
C ALA A 82 14.76 27.96 -4.27
N PHE A 83 14.23 28.36 -5.41
CA PHE A 83 13.39 27.49 -6.18
C PHE A 83 13.89 26.07 -6.24
N TYR A 84 15.17 25.92 -6.49
CA TYR A 84 15.74 24.61 -6.47
C TYR A 84 15.69 23.87 -5.15
N THR A 85 15.89 24.55 -4.02
CA THR A 85 15.77 23.86 -2.72
C THR A 85 14.35 23.35 -2.53
N GLU A 86 13.40 24.09 -3.07
CA GLU A 86 12.05 23.61 -3.07
C GLU A 86 12.00 22.28 -3.77
N GLN A 87 12.46 22.23 -5.00
CA GLN A 87 12.49 20.98 -5.74
C GLN A 87 13.18 19.83 -5.02
N GLU A 88 14.32 20.11 -4.40
CA GLU A 88 15.00 19.18 -3.52
C GLU A 88 14.15 18.57 -2.42
N ARG A 89 13.45 19.38 -1.63
CA ARG A 89 12.68 18.80 -0.51
C ARG A 89 11.46 18.03 -1.00
N GLN A 90 10.95 18.42 -2.15
CA GLN A 90 9.86 17.70 -2.80
C GLN A 90 10.36 16.35 -3.28
N ILE A 91 11.63 16.29 -3.68
CA ILE A 91 12.21 15.02 -4.10
C ILE A 91 12.51 14.12 -2.90
N ARG A 92 12.91 14.72 -1.79
CA ARG A 92 13.14 13.91 -0.63
C ARG A 92 11.84 13.25 -0.15
N GLU A 93 10.74 13.99 -0.17
CA GLU A 93 9.43 13.42 0.20
C GLU A 93 9.16 12.22 -0.69
N LYS A 94 9.26 12.39 -2.00
CA LYS A 94 9.05 11.28 -2.93
C LYS A 94 9.98 10.11 -2.64
N LEU A 95 11.19 10.42 -2.19
CA LEU A 95 12.13 9.38 -1.80
C LEU A 95 11.70 8.62 -0.56
N ASP A 96 11.33 9.36 0.47
CA ASP A 96 10.85 8.74 1.70
C ASP A 96 9.60 7.90 1.39
N PHE A 97 8.73 8.44 0.55
CA PHE A 97 7.50 7.77 0.28
C PHE A 97 7.77 6.43 -0.32
N LEU A 98 8.69 6.42 -1.27
CA LEU A 98 8.94 5.24 -2.06
C LEU A 98 9.71 4.19 -1.32
N SER A 99 10.63 4.63 -0.47
CA SER A 99 11.43 3.69 0.25
C SER A 99 10.56 3.02 1.30
N ALA A 100 9.61 3.76 1.84
CA ALA A 100 8.59 3.18 2.72
C ALA A 100 7.85 2.08 2.00
N LEU A 101 7.37 2.43 0.80
CA LEU A 101 6.71 1.53 -0.13
C LEU A 101 7.50 0.22 -0.50
N GLU A 102 8.80 0.34 -0.74
CA GLU A 102 9.64 -0.84 -1.01
C GLU A 102 9.56 -1.76 0.19
N GLN A 103 9.75 -1.22 1.41
CA GLN A 103 9.71 -2.02 2.65
C GLN A 103 8.35 -2.68 2.82
N THR A 104 7.28 -1.93 2.64
CA THR A 104 5.94 -2.48 2.79
C THR A 104 5.75 -3.64 1.85
N ILE A 105 6.03 -3.48 0.58
CA ILE A 105 5.71 -4.56 -0.32
C ILE A 105 6.52 -5.76 0.02
N SER A 106 7.78 -5.50 0.35
CA SER A 106 8.68 -6.54 0.74
C SER A 106 8.07 -7.40 1.82
N LEU A 107 7.45 -6.74 2.80
CA LEU A 107 6.79 -7.41 3.89
C LEU A 107 5.55 -8.12 3.43
N VAL A 108 4.71 -7.44 2.67
CA VAL A 108 3.50 -8.05 2.13
C VAL A 108 3.89 -9.34 1.48
N LYS A 109 4.98 -9.31 0.73
CA LYS A 109 5.52 -10.52 0.10
C LYS A 109 5.91 -11.62 1.07
N LYS A 110 6.66 -11.25 2.13
CA LYS A 110 7.13 -12.24 3.09
C LYS A 110 5.93 -13.01 3.61
N ARG A 111 4.81 -12.31 3.75
CA ARG A 111 3.62 -12.85 4.39
C ARG A 111 2.90 -13.76 3.47
N MET A 112 2.81 -13.39 2.20
CA MET A 112 2.34 -14.29 1.17
C MET A 112 3.12 -15.60 1.05
N LYS A 113 4.46 -15.52 1.03
CA LYS A 113 5.30 -16.72 0.95
C LYS A 113 4.92 -17.73 2.05
N ARG A 114 4.79 -17.27 3.31
CA ARG A 114 4.44 -18.14 4.48
C ARG A 114 3.15 -18.90 4.23
N GLN A 115 2.22 -18.25 3.56
CA GLN A 115 0.91 -18.79 3.31
C GLN A 115 0.83 -19.48 1.95
N MET A 116 1.99 -19.89 1.44
CA MET A 116 2.06 -20.83 0.32
C MET A 116 3.06 -21.91 0.66
N GLU A 117 3.78 -21.70 1.75
CA GLU A 117 4.65 -22.70 2.33
C GLU A 117 3.97 -23.38 3.50
N TYR A 118 2.64 -23.24 3.60
CA TYR A 118 1.80 -24.06 4.51
C TYR A 118 2.32 -25.49 4.40
N PRO A 119 2.61 -26.12 5.54
CA PRO A 119 3.09 -27.52 5.56
C PRO A 119 2.06 -28.52 5.06
N ALA A 120 0.79 -28.26 5.35
CA ALA A 120 -0.34 -28.94 4.73
C ALA A 120 -1.61 -28.39 5.32
N LEU A 121 -2.70 -28.55 4.57
CA LEU A 121 -3.95 -27.98 4.96
C LEU A 121 -4.77 -29.00 5.71
N GLY A 122 -5.46 -28.58 6.75
CA GLY A 122 -6.44 -29.45 7.36
C GLY A 122 -5.87 -30.35 8.41
N GLU A 123 -4.55 -30.45 8.48
CA GLU A 123 -3.87 -31.18 9.56
C GLU A 123 -3.32 -30.13 10.54
N VAL A 124 -3.08 -30.51 11.80
CA VAL A 124 -2.52 -29.57 12.81
C VAL A 124 -1.01 -29.56 12.92
N PHE A 125 -0.42 -28.38 12.92
CA PHE A 125 1.01 -28.27 13.10
C PHE A 125 1.32 -27.48 14.32
N VAL A 126 2.44 -27.77 14.93
CA VAL A 126 2.94 -26.88 15.94
C VAL A 126 4.11 -26.11 15.38
N LEU A 127 4.04 -24.78 15.29
CA LEU A 127 5.21 -24.04 14.79
C LEU A 127 5.64 -22.81 15.58
N ASP A 128 6.88 -22.38 15.37
CA ASP A 128 7.43 -21.26 16.12
C ASP A 128 7.24 -20.01 15.32
N GLU A 129 6.57 -19.03 15.89
CA GLU A 129 6.11 -17.91 15.14
C GLU A 129 6.81 -16.63 15.53
N GLU A 130 6.91 -15.69 14.59
CA GLU A 130 7.35 -14.35 14.93
C GLU A 130 6.18 -13.48 15.38
N GLU A 131 6.50 -12.40 16.05
CA GLU A 131 5.50 -11.44 16.45
C GLU A 131 4.83 -10.86 15.26
N ILE A 132 3.55 -10.58 15.39
CA ILE A 132 2.80 -9.83 14.40
C ILE A 132 2.07 -8.68 15.07
N ARG A 133 2.43 -7.45 14.71
CA ARG A 133 1.80 -6.30 15.34
C ARG A 133 0.44 -6.19 14.76
N ILE A 134 -0.51 -5.76 15.56
CA ILE A 134 -1.87 -5.65 15.09
C ILE A 134 -2.65 -4.49 15.75
N ILE A 135 -3.65 -3.94 15.08
CA ILE A 135 -4.65 -3.08 15.75
C ILE A 135 -5.85 -3.91 16.05
N GLN A 136 -6.46 -3.74 17.20
CA GLN A 136 -7.71 -4.48 17.46
C GLN A 136 -8.75 -3.67 18.17
N THR A 137 -9.96 -4.18 18.17
CA THR A 137 -11.06 -3.46 18.71
C THR A 137 -11.98 -4.46 19.42
N GLU A 138 -12.67 -4.07 20.50
CA GLU A 138 -13.60 -5.01 21.14
C GLU A 138 -14.71 -5.42 20.12
N ALA A 139 -14.94 -6.71 19.96
CA ALA A 139 -15.95 -7.22 19.02
C ALA A 139 -17.24 -7.32 19.77
N GLU A 140 -18.12 -6.36 19.60
CA GLU A 140 -19.16 -6.15 20.60
C GLU A 140 -20.26 -7.20 20.41
N GLY A 141 -20.01 -8.38 20.95
CA GLY A 141 -20.94 -9.50 20.84
C GLY A 141 -20.94 -10.26 19.51
N LEU A 142 -20.16 -9.79 18.54
CA LEU A 142 -20.04 -10.47 17.24
C LEU A 142 -19.50 -11.90 17.30
N GLY A 143 -19.77 -12.67 16.27
CA GLY A 143 -19.11 -13.95 16.11
C GLY A 143 -19.09 -14.42 14.68
N PRO A 144 -18.63 -15.63 14.44
CA PRO A 144 -18.51 -16.22 13.11
C PRO A 144 -19.76 -16.11 12.29
N GLU A 145 -20.91 -16.35 12.90
CA GLU A 145 -22.15 -16.36 12.14
C GLU A 145 -22.57 -14.98 11.65
N ASN A 146 -22.09 -13.89 12.27
CA ASN A 146 -22.66 -12.57 11.99
C ASN A 146 -21.68 -11.41 11.81
N VAL A 147 -20.38 -11.70 11.75
CA VAL A 147 -19.41 -10.66 11.47
C VAL A 147 -19.45 -10.21 10.00
N LEU A 148 -19.20 -8.93 9.74
CA LEU A 148 -19.22 -8.40 8.38
C LEU A 148 -17.89 -7.81 8.01
N ASN A 149 -17.68 -7.61 6.73
CA ASN A 149 -16.59 -6.80 6.29
C ASN A 149 -16.68 -5.40 6.88
N ALA A 150 -17.90 -4.84 6.94
CA ALA A 150 -18.10 -3.50 7.47
C ALA A 150 -17.62 -3.40 8.90
N SER A 151 -17.60 -4.51 9.60
CA SER A 151 -17.13 -4.50 10.97
C SER A 151 -15.69 -4.00 11.05
N TYR A 152 -14.92 -4.35 10.04
CA TYR A 152 -13.54 -3.96 10.00
C TYR A 152 -13.35 -2.50 9.54
N SER A 153 -14.34 -1.88 8.92
CA SER A 153 -14.09 -0.58 8.28
C SER A 153 -13.26 0.42 9.11
N LYS A 154 -13.61 0.62 10.36
CA LYS A 154 -12.90 1.62 11.14
C LYS A 154 -11.43 1.27 11.30
N LEU A 155 -11.15 0.02 11.66
CA LEU A 155 -9.78 -0.45 11.76
C LEU A 155 -9.02 -0.15 10.49
N LYS A 156 -9.62 -0.56 9.39
CA LYS A 156 -9.06 -0.31 8.09
C LYS A 156 -8.73 1.15 7.82
N LYS A 157 -9.57 2.08 8.23
CA LYS A 157 -9.27 3.48 8.03
C LYS A 157 -8.01 3.86 8.72
N PHE A 158 -7.79 3.26 9.89
CA PHE A 158 -6.59 3.56 10.64
C PHE A 158 -5.37 2.98 9.98
N ILE A 159 -5.37 1.69 9.76
CA ILE A 159 -4.34 1.11 8.95
C ILE A 159 -4.03 1.91 7.68
N GLU A 160 -5.00 2.09 6.78
CA GLU A 160 -4.70 2.71 5.48
C GLU A 160 -4.05 4.05 5.61
N SER A 161 -4.46 4.82 6.60
CA SER A 161 -3.91 6.15 6.78
C SER A 161 -2.40 6.13 7.07
N ALA A 162 -1.95 5.07 7.73
CA ALA A 162 -0.54 4.88 8.09
C ALA A 162 0.22 4.08 7.04
N ASP A 163 -0.28 2.87 6.79
CA ASP A 163 0.35 1.89 5.91
C ASP A 163 0.21 2.21 4.43
N GLY A 164 -0.88 2.84 4.03
CA GLY A 164 -1.16 3.02 2.60
C GLY A 164 -1.74 1.77 1.96
N PHE A 165 -1.24 0.62 2.36
CA PHE A 165 -1.58 -0.66 1.77
C PHE A 165 -2.73 -1.37 2.53
N THR A 166 -3.97 -1.23 2.07
CA THR A 166 -5.12 -1.81 2.79
C THR A 166 -5.23 -3.35 2.86
N ASN A 167 -5.02 -4.01 1.73
CA ASN A 167 -5.30 -5.42 1.50
C ASN A 167 -4.50 -6.25 2.47
N ASN A 168 -5.15 -7.20 3.12
CA ASN A 168 -4.49 -7.91 4.16
C ASN A 168 -5.45 -9.02 4.50
N SER A 169 -5.19 -9.61 5.66
CA SER A 169 -6.04 -10.58 6.27
C SER A 169 -6.91 -9.89 7.31
N TYR A 170 -8.01 -10.58 7.65
CA TYR A 170 -9.01 -10.14 8.59
C TYR A 170 -8.91 -11.05 9.79
N GLY A 171 -8.68 -10.49 10.96
CA GLY A 171 -8.43 -11.33 12.11
C GLY A 171 -9.53 -11.26 13.13
N ALA A 172 -9.66 -12.29 13.94
CA ALA A 172 -10.49 -12.20 15.15
C ALA A 172 -9.97 -13.15 16.21
N THR A 173 -10.33 -12.92 17.47
CA THR A 173 -9.92 -13.86 18.50
C THR A 173 -11.06 -14.25 19.40
N PHE A 174 -10.98 -15.46 19.96
CA PHE A 174 -11.96 -15.96 20.95
C PHE A 174 -11.36 -16.98 21.92
N SER A 175 -12.12 -17.30 22.96
CA SER A 175 -11.64 -18.12 24.05
C SER A 175 -11.58 -19.55 23.63
N PHE A 176 -10.49 -20.21 24.01
CA PHE A 176 -10.38 -21.64 23.84
C PHE A 176 -11.30 -22.37 24.84
N GLN A 177 -12.44 -22.87 24.37
CA GLN A 177 -13.35 -23.67 25.20
C GLN A 177 -13.62 -24.95 24.46
N PRO A 178 -14.12 -25.98 25.17
CA PRO A 178 -14.62 -27.21 24.54
C PRO A 178 -15.99 -27.00 23.89
N TYR A 179 -16.05 -26.10 22.90
CA TYR A 179 -17.29 -25.77 22.17
C TYR A 179 -17.94 -26.99 21.56
N THR A 180 -19.26 -27.10 21.60
CA THR A 180 -19.91 -28.19 20.88
C THR A 180 -20.77 -27.74 19.72
N SER A 181 -20.84 -26.42 19.45
CA SER A 181 -21.40 -25.85 18.18
C SER A 181 -21.00 -24.42 17.91
N ILE A 182 -21.26 -23.92 16.71
CA ILE A 182 -20.83 -22.58 16.32
C ILE A 182 -21.54 -21.47 17.08
N ASP A 183 -22.85 -21.59 17.22
CA ASP A 183 -23.66 -20.55 17.86
C ASP A 183 -23.23 -20.34 19.29
N GLU A 184 -22.53 -21.34 19.81
CA GLU A 184 -21.99 -21.32 21.15
C GLU A 184 -20.87 -20.32 21.27
N MET A 185 -20.31 -19.85 20.15
CA MET A 185 -19.09 -19.08 20.22
C MET A 185 -19.21 -17.60 19.84
N THR A 186 -18.45 -16.76 20.55
CA THR A 186 -18.44 -15.32 20.29
C THR A 186 -17.03 -14.88 20.29
N TYR A 187 -16.70 -13.94 19.38
CA TYR A 187 -15.38 -13.36 19.30
C TYR A 187 -15.10 -12.40 20.45
N ARG A 188 -13.87 -12.36 20.94
CA ARG A 188 -13.50 -11.40 21.98
C ARG A 188 -13.14 -10.06 21.35
N HIS A 189 -12.12 -10.07 20.49
CA HIS A 189 -11.74 -8.90 19.72
C HIS A 189 -11.67 -9.29 18.27
N ILE A 190 -11.99 -8.35 17.38
CA ILE A 190 -11.62 -8.49 15.97
C ILE A 190 -10.43 -7.61 15.73
N PHE A 191 -9.64 -7.96 14.72
CA PHE A 191 -8.37 -7.28 14.53
C PHE A 191 -7.82 -7.42 13.16
N THR A 192 -6.85 -6.57 12.90
CA THR A 192 -6.19 -6.55 11.60
C THR A 192 -4.70 -6.25 11.82
N PRO A 193 -3.84 -6.84 11.00
CA PRO A 193 -2.44 -6.61 11.24
C PRO A 193 -1.91 -5.28 10.71
N VAL A 194 -0.96 -4.68 11.43
CA VAL A 194 -0.23 -3.53 10.99
C VAL A 194 0.99 -4.01 10.26
N LEU A 195 1.41 -3.21 9.26
CA LEU A 195 2.60 -3.45 8.39
C LEU A 195 3.69 -2.42 8.53
N THR A 196 3.33 -1.22 8.95
CA THR A 196 4.32 -0.19 9.07
C THR A 196 4.69 0.01 10.50
N ASN A 197 5.59 0.96 10.71
CA ASN A 197 5.99 1.41 12.01
C ASN A 197 5.84 2.93 12.04
N LYS A 198 4.94 3.44 11.23
CA LYS A 198 4.70 4.87 11.15
C LYS A 198 3.61 5.19 12.14
N GLN A 199 3.79 6.20 12.99
CA GLN A 199 2.79 6.51 14.03
C GLN A 199 1.39 6.62 13.40
N ILE A 200 0.40 5.96 13.99
CA ILE A 200 -0.99 6.18 13.56
C ILE A 200 -1.50 7.53 14.07
N SER A 201 -2.04 8.32 13.13
CA SER A 201 -2.58 9.64 13.45
C SER A 201 -3.78 9.57 14.41
N SER A 202 -3.60 10.15 15.61
CA SER A 202 -4.72 10.36 16.53
C SER A 202 -5.64 9.14 16.51
N ILE A 203 -5.07 8.02 16.89
CA ILE A 203 -5.82 6.82 17.13
C ILE A 203 -6.73 7.09 18.31
N THR A 204 -7.89 6.46 18.37
CA THR A 204 -8.85 6.75 19.41
C THR A 204 -8.90 5.58 20.36
N PRO A 205 -9.25 5.85 21.61
CA PRO A 205 -9.19 4.84 22.68
C PRO A 205 -9.70 3.46 22.27
N ASP A 206 -10.86 3.41 21.62
CA ASP A 206 -11.48 2.15 21.27
C ASP A 206 -10.66 1.21 20.41
N MET A 207 -9.56 1.70 19.85
CA MET A 207 -8.55 0.82 19.25
C MET A 207 -7.43 0.48 20.22
N GLU A 208 -6.89 -0.72 20.10
CA GLU A 208 -5.71 -1.11 20.84
C GLU A 208 -4.60 -1.46 19.88
N ILE A 209 -3.44 -0.86 20.05
CA ILE A 209 -2.28 -1.34 19.34
C ILE A 209 -1.69 -2.46 20.17
N THR A 210 -1.58 -3.64 19.58
CA THR A 210 -0.96 -4.75 20.29
C THR A 210 -0.32 -5.79 19.36
N THR A 211 0.06 -6.96 19.87
CA THR A 211 0.63 -8.01 19.01
C THR A 211 0.11 -9.41 19.29
N ILE A 212 0.28 -10.26 18.27
CA ILE A 212 0.23 -11.69 18.45
C ILE A 212 1.65 -12.09 18.75
N PRO A 213 1.94 -12.36 20.02
CA PRO A 213 3.32 -12.52 20.51
C PRO A 213 4.14 -13.65 19.87
N LYS A 214 5.47 -13.50 19.92
CA LYS A 214 6.39 -14.54 19.51
C LYS A 214 6.13 -15.73 20.42
N GLY A 215 6.06 -16.94 19.88
CA GLY A 215 5.79 -18.14 20.69
C GLY A 215 5.69 -19.44 19.88
N ARG A 216 5.38 -20.55 20.55
CA ARG A 216 5.11 -21.76 19.81
C ARG A 216 3.64 -21.71 19.65
N TYR A 217 3.13 -22.26 18.56
CA TYR A 217 1.69 -22.19 18.28
C TYR A 217 1.18 -23.48 17.67
N ALA A 218 0.05 -23.95 18.18
CA ALA A 218 -0.67 -25.04 17.54
C ALA A 218 -1.52 -24.42 16.43
N CYS A 219 -1.23 -24.78 15.18
CA CYS A 219 -1.95 -24.21 14.04
C CYS A 219 -2.69 -25.21 13.21
N ILE A 220 -3.69 -24.69 12.50
CA ILE A 220 -4.37 -25.43 11.45
C ILE A 220 -4.85 -24.44 10.39
N ALA A 221 -4.55 -24.71 9.12
CA ALA A 221 -4.94 -23.81 8.04
C ALA A 221 -5.69 -24.61 7.01
N TYR A 222 -6.61 -23.97 6.29
CA TYR A 222 -7.38 -24.63 5.25
C TYR A 222 -8.09 -23.63 4.39
N ASN A 223 -8.59 -24.13 3.26
CA ASN A 223 -9.41 -23.32 2.42
C ASN A 223 -10.82 -23.45 2.92
N PHE A 224 -11.49 -22.31 3.06
CA PHE A 224 -12.74 -22.24 3.77
C PHE A 224 -13.92 -22.95 3.12
N SER A 225 -14.73 -23.53 3.98
CA SER A 225 -16.03 -24.07 3.64
C SER A 225 -16.85 -24.05 4.92
N PRO A 226 -18.15 -23.69 4.83
CA PRO A 226 -18.91 -23.54 6.08
C PRO A 226 -18.84 -24.81 6.92
N GLU A 227 -18.96 -25.98 6.28
CA GLU A 227 -18.82 -27.27 6.98
C GLU A 227 -17.54 -27.32 7.78
N HIS A 228 -16.42 -27.07 7.10
CA HIS A 228 -15.10 -27.31 7.65
C HIS A 228 -14.65 -26.38 8.74
N TYR A 229 -15.26 -25.21 8.81
CA TYR A 229 -14.91 -24.24 9.84
C TYR A 229 -14.82 -24.90 11.18
N PHE A 230 -15.95 -25.43 11.61
CA PHE A 230 -16.08 -25.91 12.94
C PHE A 230 -15.35 -27.21 13.15
N LEU A 231 -15.51 -28.15 12.22
CA LEU A 231 -14.87 -29.45 12.34
C LEU A 231 -13.32 -29.36 12.43
N ASN A 232 -12.76 -28.31 11.82
CA ASN A 232 -11.34 -28.04 11.90
C ASN A 232 -10.94 -27.53 13.28
N LEU A 233 -11.73 -26.63 13.84
CA LEU A 233 -11.54 -26.22 15.20
C LEU A 233 -11.55 -27.44 16.10
N GLN A 234 -12.51 -28.32 15.91
CA GLN A 234 -12.55 -29.58 16.64
C GLN A 234 -11.25 -30.37 16.65
N LYS A 235 -10.61 -30.47 15.49
CA LYS A 235 -9.28 -31.09 15.35
C LYS A 235 -8.27 -30.43 16.29
N LEU A 236 -8.33 -29.11 16.32
CA LEU A 236 -7.42 -28.32 17.12
C LEU A 236 -7.67 -28.57 18.62
N ILE A 237 -8.90 -28.40 19.07
CA ILE A 237 -9.24 -28.85 20.41
C ILE A 237 -8.73 -30.27 20.67
N LYS A 238 -9.02 -31.21 19.78
CA LYS A 238 -8.65 -32.57 20.05
C LYS A 238 -7.15 -32.66 20.19
N TYR A 239 -6.45 -32.05 19.24
CA TYR A 239 -5.00 -32.13 19.19
C TYR A 239 -4.38 -31.80 20.52
N ILE A 240 -4.92 -30.76 21.12
CA ILE A 240 -4.41 -30.23 22.34
C ILE A 240 -4.76 -31.12 23.53
N ALA A 241 -6.00 -31.57 23.59
CA ALA A 241 -6.40 -32.53 24.60
C ALA A 241 -5.58 -33.82 24.60
N ASP A 242 -5.29 -34.35 23.42
CA ASP A 242 -4.56 -35.61 23.31
C ASP A 242 -3.15 -35.51 23.81
N ARG A 243 -2.51 -34.37 23.57
CA ARG A 243 -1.11 -34.19 23.97
C ARG A 243 -1.00 -33.44 25.28
N GLN A 244 -2.13 -33.22 25.93
CA GLN A 244 -2.18 -32.47 27.18
C GLN A 244 -1.35 -31.17 27.14
N LEU A 245 -1.47 -30.41 26.06
CA LEU A 245 -0.73 -29.18 25.97
C LEU A 245 -1.46 -28.12 26.76
N THR A 246 -0.71 -27.15 27.27
CA THR A 246 -1.30 -26.02 27.97
C THR A 246 -1.41 -24.81 27.07
N VAL A 247 -2.62 -24.37 26.82
CA VAL A 247 -2.78 -23.18 25.98
C VAL A 247 -2.54 -21.89 26.76
N VAL A 248 -2.00 -20.86 26.08
CA VAL A 248 -1.65 -19.61 26.76
C VAL A 248 -2.10 -18.30 26.10
N SER A 249 -3.12 -18.37 25.24
CA SER A 249 -3.68 -17.20 24.54
C SER A 249 -5.04 -17.58 24.03
N ASP A 250 -5.76 -16.62 23.48
CA ASP A 250 -6.95 -16.98 22.73
C ASP A 250 -6.63 -17.82 21.49
N VAL A 251 -7.68 -18.34 20.90
CA VAL A 251 -7.60 -18.78 19.55
C VAL A 251 -7.57 -17.54 18.71
N TYR A 252 -6.64 -17.51 17.79
CA TYR A 252 -6.49 -16.42 16.85
C TYR A 252 -6.99 -16.99 15.55
N GLU A 253 -7.94 -16.35 14.92
CA GLU A 253 -8.30 -16.77 13.56
C GLU A 253 -8.02 -15.68 12.52
N LEU A 254 -7.33 -16.04 11.44
CA LEU A 254 -7.13 -15.14 10.29
C LEU A 254 -7.79 -15.67 9.07
N ILE A 255 -8.32 -14.76 8.27
CA ILE A 255 -8.98 -15.11 7.01
C ILE A 255 -8.38 -14.23 5.95
N ILE A 256 -8.00 -14.83 4.83
CA ILE A 256 -7.41 -14.08 3.73
C ILE A 256 -7.87 -14.58 2.37
N PRO A 257 -8.31 -13.66 1.52
CA PRO A 257 -8.75 -14.00 0.17
C PRO A 257 -7.66 -14.69 -0.63
N ILE A 258 -7.96 -15.78 -1.32
CA ILE A 258 -7.01 -16.41 -2.25
C ILE A 258 -6.91 -15.54 -3.52
N HIS A 259 -8.00 -14.86 -3.87
CA HIS A 259 -8.02 -14.02 -5.06
C HIS A 259 -9.00 -12.86 -4.83
N TYR A 260 -9.00 -11.91 -5.77
CA TYR A 260 -9.83 -10.72 -5.65
C TYR A 260 -10.60 -10.50 -6.94
N SER A 261 -10.91 -11.59 -7.60
CA SER A 261 -11.71 -11.57 -8.81
C SER A 261 -13.22 -11.59 -8.59
N PRO A 262 -13.93 -10.63 -9.18
CA PRO A 262 -15.37 -10.71 -9.24
C PRO A 262 -15.85 -11.81 -10.18
N LYS A 263 -14.98 -12.27 -11.08
CA LYS A 263 -15.40 -13.15 -12.14
C LYS A 263 -15.27 -14.59 -11.68
N LYS A 264 -14.58 -14.84 -10.60
CA LYS A 264 -14.40 -16.22 -10.14
C LYS A 264 -15.15 -16.40 -8.81
N GLN A 265 -15.35 -17.66 -8.40
CA GLN A 265 -16.03 -17.93 -7.14
C GLN A 265 -15.13 -17.47 -6.01
N GLU A 266 -15.67 -16.76 -5.02
CA GLU A 266 -14.80 -16.23 -3.96
C GLU A 266 -14.18 -17.39 -3.21
N GLU A 267 -13.04 -17.18 -2.56
CA GLU A 267 -12.39 -18.27 -1.88
C GLU A 267 -11.43 -17.78 -0.83
N TYR A 268 -11.44 -18.39 0.34
CA TYR A 268 -10.66 -17.88 1.44
C TYR A 268 -9.74 -18.91 2.08
N ARG A 269 -8.55 -18.45 2.48
CA ARG A 269 -7.74 -19.21 3.41
C ARG A 269 -8.06 -18.87 4.86
N VAL A 270 -8.37 -19.91 5.64
CA VAL A 270 -8.59 -19.74 7.07
C VAL A 270 -7.38 -20.31 7.79
N GLU A 271 -6.90 -19.59 8.79
CA GLU A 271 -5.84 -20.08 9.64
C GLU A 271 -6.25 -19.85 11.08
N MET A 272 -6.22 -20.90 11.89
CA MET A 272 -6.57 -20.81 13.30
C MET A 272 -5.38 -21.22 14.11
N LYS A 273 -4.86 -20.34 14.96
CA LYS A 273 -3.74 -20.75 15.78
C LYS A 273 -3.91 -20.35 17.23
N ILE A 274 -3.30 -21.13 18.11
CA ILE A 274 -3.33 -20.86 19.52
C ILE A 274 -1.97 -21.10 20.14
N ARG A 275 -1.58 -20.26 21.07
CA ARG A 275 -0.28 -20.41 21.71
C ARG A 275 -0.22 -21.48 22.83
N ILE A 276 0.82 -22.29 22.83
CA ILE A 276 1.01 -23.27 23.90
C ILE A 276 2.33 -23.00 24.53
N LEU A 277 2.55 -23.54 25.75
CA LEU A 277 3.78 -23.26 26.54
C LEU A 277 4.92 -24.14 25.98
C1 ET C . -15.43 -12.78 5.35
C2 ET C . -14.70 -11.88 6.12
C3 ET C . -14.59 -12.14 7.48
C4 ET C . -15.19 -13.26 8.06
N5 ET C . -16.51 -15.32 7.90
C6 ET C . -17.26 -16.24 7.19
C7 ET C . -18.20 -16.83 4.86
C8 ET C . -18.34 -16.59 3.48
C9 ET C . -17.73 -15.45 2.92
C10 ET C . -16.98 -14.59 3.73
C11 ET C . -17.43 -15.98 5.69
C12 ET C . -16.83 -14.85 5.10
C13 ET C . -16.04 -13.91 5.93
C14 ET C . -15.94 -14.19 7.31
C15 ET C . -17.99 -17.43 7.85
C16 ET C . -17.43 -18.29 8.82
C17 ET C . -18.23 -19.31 9.39
C18 ET C . -19.57 -19.54 9.06
C19 ET C . -20.15 -18.69 8.13
C20 ET C . -19.36 -17.66 7.57
C21 ET C . -16.35 -15.54 9.37
C22 ET C . -14.94 -15.34 9.91
N23 ET C . -13.90 -11.32 8.28
N24 ET C . -19.06 -17.43 2.68
C1 GOL D . -8.10 -20.27 27.30
O1 GOL D . -9.44 -20.61 27.09
C2 GOL D . -7.77 -18.93 26.60
O2 GOL D . -7.70 -19.00 25.18
C3 GOL D . -8.59 -17.74 27.11
O3 GOL D . -7.74 -16.59 27.05
C1 GOL E . 10.22 16.73 -57.35
O1 GOL E . 9.38 15.63 -57.04
C2 GOL E . 9.50 18.09 -57.38
O2 GOL E . 8.22 18.10 -56.76
C3 GOL E . 10.37 19.22 -56.82
O3 GOL E . 10.18 19.49 -55.44
#